data_4UZ3
#
_entry.id   4UZ3
#
_cell.length_a   105.490
_cell.length_b   105.490
_cell.length_c   105.490
_cell.angle_alpha   90.00
_cell.angle_beta   90.00
_cell.angle_gamma   90.00
#
_symmetry.space_group_name_H-M   'P 21 3'
#
loop_
_entity.id
_entity.type
_entity.pdbx_description
1 polymer 'CELL WALL-BINDING ENDOPEPTIDASE-RELATED PROTEIN'
2 branched 2-acetamido-2-deoxy-beta-D-glucopyranose-(1-4)-2-acetamido-2-deoxy-beta-D-glucopyranose-(1-4)-2-acetamido-2-deoxy-beta-D-glucopyranose-(1-4)-2-acetamido-2-deoxy-beta-D-glucopyranose-(1-4)-2-acetamido-2-deoxy-beta-D-glucopyranose-(1-4)-2-acetamido-2-deoxy-alpha-D-glucopyranose
3 branched 2-acetamido-2-deoxy-beta-D-glucopyranose-(1-4)-2-acetamido-2-deoxy-beta-D-glucopyranose-(1-4)-2-acetamido-2-deoxy-beta-D-glucopyranose-(1-4)-2-acetamido-2-deoxy-beta-D-glucopyranose-(1-4)-2-acetamido-2-deoxy-beta-D-glucopyranose-(1-4)-2-acetamido-2-deoxy-beta-D-glucopyranose
4 branched 2-acetamido-2-deoxy-beta-D-glucopyranose-(1-4)-2-acetamido-2-deoxy-beta-D-glucopyranose-(1-4)-2-acetamido-2-deoxy-beta-D-glucopyranose-(1-4)-2-acetamido-2-deoxy-beta-D-glucopyranose-(1-4)-2-acetamido-2-deoxy-beta-D-glucopyranose-(1-4)-2-acetamido-2-deoxy-beta-D-glucopyranose
5 non-polymer 2-acetamido-2-deoxy-alpha-D-glucopyranose
6 non-polymer 'SULFATE ION'
7 non-polymer '1,4-DIETHYLENE DIOXIDE'
8 water water
#
_entity_poly.entity_id   1
_entity_poly.type   'polypeptide(L)'
_entity_poly.pdbx_seq_one_letter_code
;GQATYTVAPGDTLYSIARRYGTTVEELMRLNGLESFLLQPGQVLKLPSRERTHVVAPGDTLFSLARRYGTTVEALMRLNG
LSSPEIKVGQVLRLPEEGEA
;
_entity_poly.pdbx_strand_id   A,B,C
#
loop_
_chem_comp.id
_chem_comp.type
_chem_comp.name
_chem_comp.formula
DIO non-polymer '1,4-DIETHYLENE DIOXIDE' 'C4 H8 O2'
NAG D-saccharide, beta linking 2-acetamido-2-deoxy-beta-D-glucopyranose 'C8 H15 N O6'
NDG D-saccharide, alpha linking 2-acetamido-2-deoxy-alpha-D-glucopyranose 'C8 H15 N O6'
SO4 non-polymer 'SULFATE ION' 'O4 S -2'
#
# COMPACT_ATOMS: atom_id res chain seq x y z
N GLN A 2 -12.19 20.08 -0.81
CA GLN A 2 -11.35 19.38 -1.77
C GLN A 2 -10.17 20.25 -2.21
N ALA A 3 -8.99 19.96 -1.67
CA ALA A 3 -7.80 20.70 -2.06
C ALA A 3 -7.35 20.25 -3.44
N THR A 4 -6.73 21.16 -4.19
CA THR A 4 -6.18 20.84 -5.49
C THR A 4 -4.79 21.45 -5.67
N TYR A 5 -4.07 20.94 -6.66
CA TYR A 5 -2.77 21.45 -7.04
C TYR A 5 -2.71 21.57 -8.56
N THR A 6 -2.24 22.71 -9.05
CA THR A 6 -2.11 22.89 -10.50
C THR A 6 -0.71 22.55 -10.96
N VAL A 7 -0.59 21.62 -11.90
CA VAL A 7 0.69 21.16 -12.41
C VAL A 7 1.50 22.30 -13.05
N ALA A 8 2.78 22.39 -12.70
CA ALA A 8 3.71 23.34 -13.29
C ALA A 8 4.76 22.58 -14.11
N PRO A 9 5.43 23.26 -15.07
CA PRO A 9 6.49 22.60 -15.85
C PRO A 9 7.53 21.92 -14.97
N GLY A 10 7.89 20.69 -15.31
CA GLY A 10 8.88 19.94 -14.54
C GLY A 10 8.30 19.07 -13.43
N ASP A 11 7.05 19.32 -13.04
CA ASP A 11 6.37 18.49 -12.03
C ASP A 11 6.14 17.06 -12.53
N THR A 12 6.17 16.11 -11.62
CA THR A 12 5.78 14.73 -11.91
C THR A 12 4.83 14.26 -10.81
N LEU A 13 4.14 13.15 -11.03
CA LEU A 13 3.29 12.59 -9.98
C LEU A 13 4.12 12.32 -8.72
N TYR A 14 5.33 11.80 -8.92
CA TYR A 14 6.22 11.51 -7.79
C TYR A 14 6.65 12.77 -7.04
N SER A 15 7.08 13.82 -7.74
CA SER A 15 7.54 15.01 -7.06
C SER A 15 6.39 15.70 -6.32
N ILE A 16 5.20 15.69 -6.92
CA ILE A 16 4.02 16.23 -6.27
C ILE A 16 3.64 15.41 -5.02
N ALA A 17 3.66 14.08 -5.17
CA ALA A 17 3.35 13.19 -4.05
C ALA A 17 4.29 13.44 -2.86
N ARG A 18 5.58 13.52 -3.13
CA ARG A 18 6.55 13.75 -2.05
C ARG A 18 6.38 15.13 -1.40
N ARG A 19 5.99 16.13 -2.18
CA ARG A 19 5.81 17.46 -1.60
C ARG A 19 4.61 17.49 -0.66
N TYR A 20 3.56 16.74 -1.01
CA TYR A 20 2.32 16.81 -0.22
C TYR A 20 2.14 15.65 0.75
N GLY A 21 3.09 14.72 0.77
CA GLY A 21 3.04 13.64 1.73
C GLY A 21 2.03 12.55 1.40
N THR A 22 1.85 12.29 0.11
CA THR A 22 0.97 11.23 -0.34
C THR A 22 1.73 10.30 -1.28
N THR A 23 1.01 9.47 -2.03
CA THR A 23 1.68 8.52 -2.92
C THR A 23 1.30 8.73 -4.39
N VAL A 24 2.13 8.20 -5.28
CA VAL A 24 1.80 8.19 -6.71
C VAL A 24 0.47 7.46 -6.95
N GLU A 25 0.29 6.30 -6.33
N GLU A 25 0.32 6.30 -6.31
CA GLU A 25 -0.94 5.52 -6.56
CA GLU A 25 -0.89 5.49 -6.45
C GLU A 25 -2.19 6.27 -6.09
C GLU A 25 -2.15 6.26 -6.09
N GLU A 26 -2.11 6.96 -4.96
CA GLU A 26 -3.27 7.71 -4.49
C GLU A 26 -3.62 8.87 -5.41
N LEU A 27 -2.62 9.59 -5.90
CA LEU A 27 -2.87 10.66 -6.85
C LEU A 27 -3.53 10.13 -8.13
N MET A 28 -3.06 8.98 -8.60
CA MET A 28 -3.62 8.38 -9.81
C MET A 28 -5.05 7.88 -9.57
N ARG A 29 -5.29 7.26 -8.43
CA ARG A 29 -6.64 6.76 -8.11
C ARG A 29 -7.65 7.91 -8.03
N LEU A 30 -7.26 8.96 -7.33
CA LEU A 30 -8.15 10.07 -7.06
C LEU A 30 -8.47 10.86 -8.34
N ASN A 31 -7.56 10.83 -9.30
CA ASN A 31 -7.72 11.60 -10.52
C ASN A 31 -7.97 10.75 -11.77
N GLY A 32 -8.09 9.44 -11.59
CA GLY A 32 -8.44 8.54 -12.68
C GLY A 32 -7.34 8.39 -13.73
N LEU A 33 -6.09 8.61 -13.32
CA LEU A 33 -4.96 8.62 -14.23
C LEU A 33 -4.46 7.22 -14.59
N GLU A 34 -4.16 7.00 -15.87
CA GLU A 34 -3.49 5.76 -16.29
C GLU A 34 -2.06 6.01 -16.76
N SER A 35 -1.72 7.28 -16.95
CA SER A 35 -0.42 7.66 -17.51
C SER A 35 0.35 8.60 -16.58
N PHE A 36 1.68 8.53 -16.64
CA PHE A 36 2.53 9.49 -15.91
C PHE A 36 2.66 10.83 -16.65
N LEU A 37 2.09 10.92 -17.85
N LEU A 37 2.07 10.93 -17.84
CA LEU A 37 2.15 12.15 -18.64
CA LEU A 37 2.19 12.15 -18.65
C LEU A 37 1.23 13.22 -18.06
C LEU A 37 1.24 13.25 -18.18
N LEU A 38 1.81 14.35 -17.69
CA LEU A 38 1.03 15.49 -17.19
C LEU A 38 1.30 16.74 -18.03
N GLN A 39 0.33 17.66 -18.08
CA GLN A 39 0.55 18.96 -18.74
C GLN A 39 0.47 20.12 -17.75
N PRO A 40 1.31 21.14 -17.92
CA PRO A 40 1.15 22.37 -17.15
C PRO A 40 -0.30 22.88 -17.23
N GLY A 41 -0.86 23.26 -16.08
CA GLY A 41 -2.23 23.74 -16.03
C GLY A 41 -3.21 22.69 -15.58
N GLN A 42 -2.82 21.43 -15.68
N GLN A 42 -2.82 21.43 -15.69
CA GLN A 42 -3.68 20.33 -15.26
CA GLN A 42 -3.64 20.32 -15.23
C GLN A 42 -3.97 20.38 -13.77
C GLN A 42 -3.97 20.48 -13.75
N VAL A 43 -5.26 20.38 -13.41
CA VAL A 43 -5.66 20.42 -12.02
C VAL A 43 -5.74 19.00 -11.46
N LEU A 44 -5.03 18.77 -10.36
CA LEU A 44 -5.06 17.48 -9.67
C LEU A 44 -5.74 17.60 -8.31
N LYS A 45 -6.71 16.74 -8.06
CA LYS A 45 -7.28 16.65 -6.73
C LYS A 45 -6.26 16.02 -5.78
N LEU A 46 -6.14 16.60 -4.59
CA LEU A 46 -5.24 16.08 -3.55
C LEU A 46 -6.02 15.34 -2.47
N PRO A 47 -5.45 14.26 -1.95
CA PRO A 47 -6.08 13.57 -0.83
C PRO A 47 -5.95 14.39 0.44
N SER A 48 -6.82 14.14 1.40
N SER A 48 -6.78 14.11 1.44
CA SER A 48 -6.68 14.75 2.72
CA SER A 48 -6.60 14.72 2.75
C SER A 48 -5.41 14.23 3.36
C SER A 48 -5.26 14.30 3.34
N ARG A 49 -4.68 15.10 4.06
N ARG A 49 -4.68 15.16 4.17
CA ARG A 49 -3.44 14.69 4.70
CA ARG A 49 -3.46 14.79 4.87
C ARG A 49 -3.71 13.59 5.71
C ARG A 49 -3.73 13.57 5.75
N GLU A 50 -2.81 12.62 5.75
CA GLU A 50 -2.93 11.49 6.67
C GLU A 50 -2.64 11.98 8.08
N ARG A 51 -3.33 11.40 9.05
CA ARG A 51 -3.28 11.92 10.42
C ARG A 51 -2.37 11.15 11.36
N THR A 52 -2.24 9.84 11.13
CA THR A 52 -1.35 9.01 11.95
C THR A 52 -0.61 7.98 11.10
N HIS A 53 0.50 7.49 11.64
CA HIS A 53 1.23 6.39 11.03
C HIS A 53 1.64 5.40 12.10
N VAL A 54 1.31 4.12 11.93
CA VAL A 54 1.81 3.09 12.83
C VAL A 54 3.19 2.63 12.35
N VAL A 55 4.20 2.85 13.19
CA VAL A 55 5.58 2.55 12.83
C VAL A 55 5.78 1.04 12.58
N ALA A 56 6.44 0.73 11.47
CA ALA A 56 6.69 -0.64 11.04
C ALA A 56 8.19 -0.92 11.03
N PRO A 57 8.59 -2.21 11.09
CA PRO A 57 10.01 -2.54 10.99
C PRO A 57 10.63 -1.93 9.73
N GLY A 58 11.79 -1.31 9.88
CA GLY A 58 12.45 -0.68 8.76
C GLY A 58 12.21 0.82 8.65
N ASP A 59 11.16 1.33 9.29
CA ASP A 59 10.88 2.76 9.28
C ASP A 59 11.98 3.51 10.02
N THR A 60 12.25 4.73 9.57
CA THR A 60 13.12 5.64 10.30
C THR A 60 12.47 7.02 10.27
N LEU A 61 12.89 7.93 11.15
CA LEU A 61 12.32 9.28 11.10
C LEU A 61 12.63 9.97 9.77
N PHE A 62 13.83 9.75 9.22
CA PHE A 62 14.15 10.33 7.90
C PHE A 62 13.19 9.83 6.84
N SER A 63 12.96 8.51 6.81
CA SER A 63 12.12 7.92 5.76
C SER A 63 10.66 8.34 5.90
N LEU A 64 10.17 8.44 7.14
CA LEU A 64 8.79 8.84 7.36
C LEU A 64 8.59 10.34 7.07
N ALA A 65 9.61 11.14 7.37
CA ALA A 65 9.55 12.56 7.02
C ALA A 65 9.41 12.73 5.51
N ARG A 66 10.18 11.95 4.75
CA ARG A 66 10.06 11.99 3.30
C ARG A 66 8.67 11.48 2.85
N ARG A 67 8.23 10.38 3.43
CA ARG A 67 6.93 9.81 3.03
C ARG A 67 5.81 10.79 3.28
N TYR A 68 5.85 11.51 4.40
CA TYR A 68 4.71 12.37 4.73
C TYR A 68 4.98 13.86 4.51
N GLY A 69 5.96 14.17 3.66
CA GLY A 69 6.19 15.53 3.20
C GLY A 69 6.50 16.50 4.31
N THR A 70 7.28 16.06 5.29
CA THR A 70 7.56 16.88 6.45
C THR A 70 9.03 16.73 6.85
N THR A 71 9.34 17.01 8.12
CA THR A 71 10.71 16.96 8.63
C THR A 71 10.82 16.08 9.87
N VAL A 72 12.05 15.66 10.16
CA VAL A 72 12.34 14.94 11.41
C VAL A 72 11.96 15.82 12.59
N GLU A 73 12.31 17.10 12.49
N GLU A 73 12.32 17.10 12.48
CA GLU A 73 12.03 18.05 13.56
CA GLU A 73 12.04 18.08 13.52
C GLU A 73 10.54 18.18 13.88
C GLU A 73 10.55 18.15 13.87
N ALA A 74 9.70 18.27 12.84
CA ALA A 74 8.25 18.35 13.05
C ALA A 74 7.70 17.07 13.69
N LEU A 75 8.16 15.92 13.21
CA LEU A 75 7.69 14.64 13.74
C LEU A 75 8.08 14.49 15.21
N MET A 76 9.28 14.93 15.55
CA MET A 76 9.72 14.85 16.94
C MET A 76 8.90 15.78 17.83
N ARG A 77 8.67 17.01 17.37
CA ARG A 77 7.92 17.99 18.16
C ARG A 77 6.48 17.53 18.42
N LEU A 78 5.82 17.06 17.37
CA LEU A 78 4.42 16.66 17.42
C LEU A 78 4.17 15.46 18.32
N ASN A 79 5.19 14.62 18.48
CA ASN A 79 5.04 13.38 19.23
C ASN A 79 5.82 13.34 20.53
N GLY A 80 6.42 14.46 20.89
CA GLY A 80 7.15 14.59 22.14
C GLY A 80 8.31 13.61 22.27
N LEU A 81 8.99 13.34 21.16
CA LEU A 81 10.07 12.36 21.13
C LEU A 81 11.33 12.91 21.79
N SER A 82 11.96 12.09 22.62
CA SER A 82 13.15 12.53 23.36
C SER A 82 14.45 12.18 22.63
N SER A 83 14.34 11.53 21.48
CA SER A 83 15.50 11.20 20.65
C SER A 83 15.02 10.86 19.24
N PRO A 84 15.93 10.86 18.24
CA PRO A 84 15.48 10.65 16.87
C PRO A 84 15.27 9.18 16.48
N GLU A 85 15.10 8.30 17.45
CA GLU A 85 14.86 6.89 17.19
C GLU A 85 13.36 6.59 17.39
N ILE A 86 12.84 5.54 16.76
CA ILE A 86 11.41 5.23 16.86
C ILE A 86 11.18 3.72 17.04
N LYS A 87 9.96 3.37 17.44
CA LYS A 87 9.65 2.02 17.89
C LYS A 87 8.55 1.38 17.05
N VAL A 88 8.74 0.11 16.64
CA VAL A 88 7.66 -0.63 15.99
C VAL A 88 6.39 -0.55 16.84
N GLY A 89 5.26 -0.22 16.21
CA GLY A 89 3.97 -0.19 16.89
C GLY A 89 3.59 1.18 17.42
N GLN A 90 4.58 2.07 17.51
CA GLN A 90 4.38 3.44 17.92
C GLN A 90 3.43 4.15 16.96
N VAL A 91 2.44 4.86 17.50
CA VAL A 91 1.54 5.64 16.67
C VAL A 91 2.01 7.09 16.61
N LEU A 92 2.52 7.49 15.45
CA LEU A 92 3.00 8.85 15.27
C LEU A 92 1.90 9.73 14.71
N ARG A 93 1.65 10.86 15.38
CA ARG A 93 0.75 11.87 14.84
C ARG A 93 1.50 12.62 13.74
N LEU A 94 0.79 12.99 12.67
CA LEU A 94 1.40 13.62 11.50
C LEU A 94 0.91 15.05 11.36
N PRO A 95 1.73 15.92 10.76
CA PRO A 95 1.39 17.35 10.67
C PRO A 95 0.19 17.67 9.77
N GLU A 96 -0.53 18.72 10.12
CA GLU A 96 -1.56 19.28 9.25
C GLU A 96 -0.90 20.04 8.11
N GLU A 97 -1.66 20.37 7.07
CA GLU A 97 -1.12 20.98 5.86
C GLU A 97 -0.24 22.21 6.13
N GLY A 98 -0.70 23.07 7.02
CA GLY A 98 -0.01 24.31 7.28
C GLY A 98 1.24 24.20 8.15
N GLU A 99 1.51 23.01 8.68
CA GLU A 99 2.59 22.86 9.64
C GLU A 99 3.60 21.76 9.29
N ALA A 100 3.45 21.16 8.11
CA ALA A 100 4.37 20.10 7.69
C ALA A 100 5.74 20.68 7.39
N ALA B 3 -8.13 -18.89 9.13
CA ALA B 3 -7.02 -19.71 9.60
C ALA B 3 -6.43 -19.17 10.89
N THR B 4 -5.82 -20.04 11.68
CA THR B 4 -5.16 -19.62 12.90
C THR B 4 -3.75 -20.18 12.99
N TYR B 5 -2.96 -19.64 13.92
CA TYR B 5 -1.61 -20.11 14.16
C TYR B 5 -1.39 -20.23 15.66
N THR B 6 -0.78 -21.31 16.10
CA THR B 6 -0.51 -21.52 17.53
C THR B 6 0.94 -21.19 17.86
N VAL B 7 1.13 -20.26 18.78
CA VAL B 7 2.47 -19.75 19.11
C VAL B 7 3.36 -20.85 19.71
N ALA B 8 4.60 -20.92 19.25
CA ALA B 8 5.60 -21.85 19.77
C ALA B 8 6.72 -21.09 20.47
N PRO B 9 7.43 -21.74 21.41
CA PRO B 9 8.57 -21.10 22.05
C PRO B 9 9.54 -20.53 21.02
N GLY B 10 9.95 -19.29 21.21
CA GLY B 10 10.86 -18.64 20.29
C GLY B 10 10.18 -17.75 19.26
N ASP B 11 8.88 -17.95 19.04
CA ASP B 11 8.15 -17.13 18.07
C ASP B 11 8.03 -15.68 18.51
N THR B 12 7.95 -14.77 17.54
CA THR B 12 7.62 -13.37 17.80
C THR B 12 6.56 -12.94 16.80
N LEU B 13 5.92 -11.80 17.05
CA LEU B 13 4.92 -11.31 16.08
C LEU B 13 5.60 -11.07 14.73
N TYR B 14 6.80 -10.51 14.76
CA TYR B 14 7.56 -10.27 13.54
C TYR B 14 7.91 -11.56 12.81
N SER B 15 8.40 -12.58 13.51
CA SER B 15 8.81 -13.81 12.83
C SER B 15 7.60 -14.52 12.23
N ILE B 16 6.47 -14.48 12.92
CA ILE B 16 5.23 -15.05 12.37
C ILE B 16 4.73 -14.25 11.17
N ALA B 17 4.75 -12.92 11.28
CA ALA B 17 4.32 -12.06 10.18
C ALA B 17 5.11 -12.33 8.89
N ARG B 18 6.44 -12.42 9.01
CA ARG B 18 7.28 -12.65 7.84
C ARG B 18 7.09 -14.06 7.26
N ARG B 19 6.81 -15.04 8.13
CA ARG B 19 6.57 -16.39 7.63
C ARG B 19 5.28 -16.47 6.81
N TYR B 20 4.27 -15.70 7.22
CA TYR B 20 2.95 -15.78 6.61
C TYR B 20 2.62 -14.64 5.65
N GLY B 21 3.60 -13.77 5.42
CA GLY B 21 3.43 -12.68 4.46
C GLY B 21 2.46 -11.58 4.85
N THR B 22 2.39 -11.29 6.14
CA THR B 22 1.55 -10.21 6.64
C THR B 22 2.40 -9.23 7.48
N THR B 23 1.77 -8.38 8.28
CA THR B 23 2.51 -7.39 9.05
C THR B 23 2.28 -7.56 10.54
N VAL B 24 3.22 -7.05 11.34
CA VAL B 24 3.05 -7.00 12.79
C VAL B 24 1.77 -6.25 13.15
N GLU B 25 1.50 -5.12 12.50
N GLU B 25 1.51 -5.15 12.45
CA GLU B 25 0.35 -4.32 12.88
CA GLU B 25 0.32 -4.33 12.70
C GLU B 25 -0.98 -5.02 12.60
C GLU B 25 -0.97 -5.13 12.50
N GLU B 26 -1.03 -5.78 11.50
N GLU B 26 -1.07 -5.84 11.39
CA GLU B 26 -2.27 -6.48 11.16
CA GLU B 26 -2.30 -6.56 11.07
C GLU B 26 -2.51 -7.65 12.11
C GLU B 26 -2.53 -7.72 12.05
N LEU B 27 -1.44 -8.35 12.48
CA LEU B 27 -1.54 -9.43 13.46
C LEU B 27 -2.04 -8.89 14.79
N MET B 28 -1.52 -7.75 15.20
CA MET B 28 -1.92 -7.16 16.47
C MET B 28 -3.36 -6.64 16.42
N ARG B 29 -3.73 -6.02 15.31
CA ARG B 29 -5.07 -5.48 15.15
C ARG B 29 -6.13 -6.58 15.18
N LEU B 30 -5.87 -7.63 14.40
CA LEU B 30 -6.83 -8.71 14.24
C LEU B 30 -7.06 -9.45 15.56
N ASN B 31 -6.04 -9.43 16.41
CA ASN B 31 -6.10 -10.19 17.66
C ASN B 31 -6.19 -9.34 18.91
N GLY B 32 -6.40 -8.03 18.74
CA GLY B 32 -6.57 -7.11 19.85
C GLY B 32 -5.38 -7.06 20.80
N LEU B 33 -4.18 -7.12 20.25
CA LEU B 33 -2.97 -7.13 21.06
C LEU B 33 -2.40 -5.73 21.24
N GLU B 34 -1.85 -5.44 22.41
CA GLU B 34 -1.22 -4.16 22.68
C GLU B 34 0.27 -4.33 22.98
N SER B 35 0.66 -5.56 23.27
CA SER B 35 2.01 -5.86 23.71
C SER B 35 2.64 -6.88 22.78
N PHE B 36 3.98 -6.89 22.72
CA PHE B 36 4.70 -7.87 21.92
C PHE B 36 4.88 -9.19 22.66
N LEU B 37 4.41 -9.27 23.91
CA LEU B 37 4.56 -10.49 24.70
C LEU B 37 3.59 -11.58 24.24
N LEU B 38 4.15 -12.72 23.84
CA LEU B 38 3.36 -13.89 23.43
C LEU B 38 3.64 -15.06 24.35
N GLN B 39 2.66 -15.93 24.51
CA GLN B 39 2.83 -17.16 25.29
C GLN B 39 2.72 -18.38 24.39
N PRO B 40 3.60 -19.38 24.60
CA PRO B 40 3.45 -20.64 23.87
C PRO B 40 2.04 -21.21 24.07
N GLY B 41 1.42 -21.69 23.00
CA GLY B 41 0.06 -22.20 23.09
C GLY B 41 -1.00 -21.18 22.75
N GLN B 42 -0.62 -19.90 22.78
CA GLN B 42 -1.52 -18.82 22.41
C GLN B 42 -1.97 -18.95 20.96
N VAL B 43 -3.27 -18.78 20.71
CA VAL B 43 -3.80 -18.91 19.35
C VAL B 43 -4.03 -17.56 18.69
N LEU B 44 -3.39 -17.35 17.53
CA LEU B 44 -3.54 -16.12 16.77
C LEU B 44 -4.37 -16.32 15.51
N LYS B 45 -5.35 -15.44 15.30
CA LYS B 45 -6.05 -15.38 14.03
C LYS B 45 -5.11 -14.83 12.96
N LEU B 46 -5.11 -15.45 11.77
CA LEU B 46 -4.28 -14.98 10.67
C LEU B 46 -5.09 -14.18 9.67
N PRO B 47 -4.51 -13.08 9.16
CA PRO B 47 -5.15 -12.24 8.15
C PRO B 47 -5.39 -12.99 6.84
N SER B 48 -6.35 -12.55 6.05
CA SER B 48 -6.50 -13.07 4.70
C SER B 48 -5.31 -12.59 3.86
N ARG B 49 -4.83 -13.43 2.95
CA ARG B 49 -3.67 -13.05 2.14
C ARG B 49 -4.06 -12.04 1.05
N GLU B 50 -3.16 -11.10 0.78
N GLU B 50 -3.16 -11.11 0.76
CA GLU B 50 -3.37 -10.14 -0.29
CA GLU B 50 -3.41 -10.13 -0.29
C GLU B 50 -3.27 -10.84 -1.64
C GLU B 50 -3.22 -10.76 -1.66
N ARG B 51 -4.13 -10.43 -2.59
CA ARG B 51 -4.09 -11.00 -3.93
C ARG B 51 -3.11 -10.27 -4.86
N THR B 52 -2.93 -8.97 -4.62
CA THR B 52 -2.11 -8.14 -5.51
C THR B 52 -1.26 -7.13 -4.75
N HIS B 53 -0.26 -6.59 -5.44
CA HIS B 53 0.53 -5.47 -4.92
C HIS B 53 0.73 -4.42 -5.99
N VAL B 54 0.46 -3.16 -5.68
CA VAL B 54 0.77 -2.07 -6.60
C VAL B 54 2.20 -1.58 -6.34
N VAL B 55 3.07 -1.79 -7.34
CA VAL B 55 4.47 -1.43 -7.21
C VAL B 55 4.63 0.08 -7.00
N ALA B 56 5.41 0.44 -5.97
CA ALA B 56 5.63 1.83 -5.60
C ALA B 56 7.10 2.19 -5.79
N PRO B 57 7.42 3.50 -5.88
CA PRO B 57 8.83 3.89 -5.94
C PRO B 57 9.65 3.29 -4.81
N GLY B 58 10.81 2.72 -5.13
CA GLY B 58 11.63 2.10 -4.11
C GLY B 58 11.40 0.62 -3.88
N ASP B 59 10.30 0.09 -4.41
CA ASP B 59 10.05 -1.35 -4.32
C ASP B 59 11.10 -2.14 -5.09
N THR B 60 11.45 -3.33 -4.60
CA THR B 60 12.25 -4.28 -5.37
C THR B 60 11.64 -5.67 -5.24
N LEU B 61 11.98 -6.59 -6.14
CA LEU B 61 11.44 -7.94 -6.03
C LEU B 61 11.93 -8.62 -4.74
N PHE B 62 13.18 -8.36 -4.35
CA PHE B 62 13.70 -8.91 -3.09
C PHE B 62 12.85 -8.46 -1.90
N SER B 63 12.55 -7.17 -1.82
CA SER B 63 11.81 -6.65 -0.68
C SER B 63 10.36 -7.12 -0.68
N LEU B 64 9.74 -7.16 -1.86
CA LEU B 64 8.35 -7.60 -1.95
C LEU B 64 8.22 -9.08 -1.61
N ALA B 65 9.21 -9.87 -2.00
CA ALA B 65 9.22 -11.29 -1.64
C ALA B 65 9.24 -11.47 -0.12
N ARG B 66 10.07 -10.69 0.57
N ARG B 66 10.06 -10.68 0.57
CA ARG B 66 10.12 -10.75 2.03
CA ARG B 66 10.13 -10.74 2.03
C ARG B 66 8.80 -10.28 2.64
C ARG B 66 8.82 -10.26 2.66
N ARG B 67 8.25 -9.19 2.11
CA ARG B 67 7.01 -8.64 2.64
C ARG B 67 5.85 -9.63 2.55
N TYR B 68 5.76 -10.34 1.43
CA TYR B 68 4.62 -11.22 1.21
C TYR B 68 4.94 -12.71 1.40
N GLY B 69 6.04 -13.01 2.08
CA GLY B 69 6.35 -14.36 2.51
C GLY B 69 6.55 -15.34 1.38
N THR B 70 7.21 -14.87 0.33
CA THR B 70 7.41 -15.69 -0.87
C THR B 70 8.84 -15.52 -1.38
N THR B 71 9.09 -15.86 -2.63
CA THR B 71 10.43 -15.73 -3.22
C THR B 71 10.40 -14.88 -4.49
N VAL B 72 11.55 -14.36 -4.88
CA VAL B 72 11.69 -13.64 -6.13
C VAL B 72 11.28 -14.52 -7.30
N GLU B 73 11.73 -15.79 -7.29
CA GLU B 73 11.39 -16.71 -8.37
C GLU B 73 9.88 -16.91 -8.50
N ALA B 74 9.19 -17.07 -7.37
CA ALA B 74 7.75 -17.29 -7.38
C ALA B 74 7.01 -16.07 -7.93
N LEU B 75 7.44 -14.88 -7.52
CA LEU B 75 6.84 -13.63 -7.99
C LEU B 75 7.04 -13.44 -9.50
N MET B 76 8.25 -13.75 -9.98
CA MET B 76 8.54 -13.63 -11.40
C MET B 76 7.71 -14.63 -12.21
N ARG B 77 7.66 -15.86 -11.74
CA ARG B 77 6.95 -16.91 -12.47
C ARG B 77 5.44 -16.62 -12.56
N LEU B 78 4.86 -16.16 -11.47
CA LEU B 78 3.41 -15.92 -11.41
C LEU B 78 3.02 -14.74 -12.30
N ASN B 79 3.96 -13.84 -12.50
CA ASN B 79 3.70 -12.61 -13.26
C ASN B 79 4.33 -12.61 -14.66
N GLY B 80 4.86 -13.77 -15.06
CA GLY B 80 5.43 -13.93 -16.39
C GLY B 80 6.64 -13.05 -16.65
N LEU B 81 7.38 -12.74 -15.59
CA LEU B 81 8.57 -11.90 -15.73
C LEU B 81 9.81 -12.74 -16.06
N SER B 82 10.61 -12.27 -17.01
CA SER B 82 11.85 -12.93 -17.37
C SER B 82 13.06 -12.20 -16.79
N SER B 83 12.86 -10.94 -16.39
N SER B 83 12.85 -10.95 -16.38
CA SER B 83 13.93 -10.16 -15.79
CA SER B 83 13.91 -10.14 -15.79
C SER B 83 13.50 -9.64 -14.42
C SER B 83 13.49 -9.62 -14.42
N PRO B 84 14.45 -9.53 -13.49
CA PRO B 84 14.19 -9.12 -12.10
C PRO B 84 14.13 -7.62 -11.90
N GLU B 85 13.31 -6.93 -12.69
CA GLU B 85 13.11 -5.50 -12.57
C GLU B 85 11.60 -5.26 -12.62
N ILE B 86 11.14 -4.18 -11.98
CA ILE B 86 9.70 -3.90 -11.90
C ILE B 86 9.43 -2.40 -12.07
N LYS B 87 8.17 -2.07 -12.30
CA LYS B 87 7.79 -0.72 -12.70
C LYS B 87 6.78 -0.10 -11.75
N VAL B 88 6.99 1.16 -11.40
CA VAL B 88 5.99 1.91 -10.65
C VAL B 88 4.62 1.80 -11.33
N GLY B 89 3.59 1.50 -10.56
CA GLY B 89 2.24 1.39 -11.09
C GLY B 89 1.84 -0.02 -11.53
N GLN B 90 2.83 -0.87 -11.70
CA GLN B 90 2.59 -2.26 -12.10
C GLN B 90 1.81 -3.02 -11.04
N VAL B 91 0.75 -3.71 -11.45
CA VAL B 91 -0.04 -4.50 -10.52
C VAL B 91 0.41 -5.96 -10.60
N LEU B 92 1.10 -6.41 -9.55
CA LEU B 92 1.61 -7.79 -9.49
C LEU B 92 0.62 -8.73 -8.81
N ARG B 93 0.50 -9.94 -9.33
N ARG B 93 0.49 -9.94 -9.35
CA ARG B 93 -0.24 -11.00 -8.65
CA ARG B 93 -0.20 -11.01 -8.65
C ARG B 93 0.66 -11.62 -7.57
C ARG B 93 0.69 -11.54 -7.53
N LEU B 94 0.09 -11.91 -6.41
CA LEU B 94 0.85 -12.47 -5.30
C LEU B 94 0.55 -13.96 -5.10
N PRO B 95 1.59 -14.76 -4.84
CA PRO B 95 1.43 -16.19 -4.61
C PRO B 95 0.57 -16.50 -3.39
N GLU B 96 -0.40 -17.38 -3.54
CA GLU B 96 -1.21 -17.82 -2.40
C GLU B 96 -0.71 -19.15 -1.88
N GLN C 2 -27.06 -2.70 -4.77
CA GLN C 2 -25.87 -3.45 -5.17
C GLN C 2 -25.41 -3.04 -6.56
N ALA C 3 -24.50 -2.07 -6.62
CA ALA C 3 -23.98 -1.57 -7.88
C ALA C 3 -23.12 -2.61 -8.57
N THR C 4 -23.27 -2.72 -9.88
CA THR C 4 -22.50 -3.68 -10.66
C THR C 4 -21.98 -3.05 -11.95
N TYR C 5 -21.03 -3.70 -12.59
CA TYR C 5 -20.53 -3.29 -13.90
C TYR C 5 -20.40 -4.51 -14.80
N THR C 6 -20.89 -4.41 -16.02
CA THR C 6 -20.79 -5.52 -16.97
C THR C 6 -19.63 -5.33 -17.92
N VAL C 7 -18.72 -6.30 -17.93
CA VAL C 7 -17.50 -6.25 -18.73
C VAL C 7 -17.79 -6.18 -20.23
N ALA C 8 -17.04 -5.32 -20.92
CA ALA C 8 -17.11 -5.19 -22.37
C ALA C 8 -15.74 -5.53 -22.99
N PRO C 9 -15.71 -5.87 -24.29
CA PRO C 9 -14.43 -6.20 -24.95
C PRO C 9 -13.37 -5.11 -24.79
N GLY C 10 -12.19 -5.49 -24.32
CA GLY C 10 -11.11 -4.54 -24.13
C GLY C 10 -10.92 -4.09 -22.69
N ASP C 11 -11.91 -4.33 -21.83
CA ASP C 11 -11.84 -3.99 -20.41
C ASP C 11 -10.74 -4.74 -19.66
N THR C 12 -10.15 -4.10 -18.67
CA THR C 12 -9.23 -4.75 -17.74
C THR C 12 -9.61 -4.38 -16.32
N LEU C 13 -9.18 -5.17 -15.35
CA LEU C 13 -9.46 -4.85 -13.95
C LEU C 13 -8.82 -3.50 -13.61
N TYR C 14 -7.61 -3.28 -14.11
CA TYR C 14 -6.92 -2.01 -13.88
C TYR C 14 -7.73 -0.80 -14.32
N SER C 15 -8.24 -0.84 -15.55
N SER C 15 -8.24 -0.84 -15.55
CA SER C 15 -8.99 0.28 -16.11
CA SER C 15 -8.98 0.29 -16.09
C SER C 15 -10.35 0.45 -15.43
C SER C 15 -10.36 0.45 -15.44
N ILE C 16 -11.01 -0.66 -15.13
CA ILE C 16 -12.30 -0.61 -14.45
C ILE C 16 -12.12 0.02 -13.06
N ALA C 17 -11.09 -0.42 -12.34
CA ALA C 17 -10.80 0.15 -11.02
C ALA C 17 -10.52 1.65 -11.11
N ARG C 18 -9.76 2.07 -12.13
CA ARG C 18 -9.44 3.49 -12.30
C ARG C 18 -10.69 4.33 -12.57
N ARG C 19 -11.57 3.81 -13.41
CA ARG C 19 -12.80 4.52 -13.76
C ARG C 19 -13.73 4.70 -12.56
N TYR C 20 -13.66 3.78 -11.60
CA TYR C 20 -14.56 3.83 -10.44
C TYR C 20 -13.84 4.26 -9.16
N GLY C 21 -12.56 4.59 -9.27
CA GLY C 21 -11.81 5.13 -8.14
C GLY C 21 -11.58 4.11 -7.03
N THR C 22 -11.46 2.85 -7.42
CA THR C 22 -11.21 1.79 -6.45
C THR C 22 -9.90 1.06 -6.80
N THR C 23 -9.74 -0.18 -6.33
CA THR C 23 -8.49 -0.93 -6.54
C THR C 23 -8.73 -2.27 -7.22
N VAL C 24 -7.69 -2.81 -7.85
CA VAL C 24 -7.78 -4.14 -8.44
C VAL C 24 -8.03 -5.15 -7.31
N GLU C 25 -7.34 -4.97 -6.18
CA GLU C 25 -7.51 -5.83 -5.02
C GLU C 25 -8.97 -5.96 -4.60
N GLU C 26 -9.66 -4.82 -4.48
CA GLU C 26 -11.05 -4.81 -4.01
C GLU C 26 -12.00 -5.41 -5.05
N LEU C 27 -11.76 -5.16 -6.34
CA LEU C 27 -12.59 -5.76 -7.38
C LEU C 27 -12.46 -7.29 -7.34
N MET C 28 -11.25 -7.78 -7.09
CA MET C 28 -11.04 -9.23 -7.01
C MET C 28 -11.68 -9.80 -5.74
N ARG C 29 -11.54 -9.10 -4.63
CA ARG C 29 -12.08 -9.57 -3.36
C ARG C 29 -13.61 -9.68 -3.42
N LEU C 30 -14.24 -8.61 -3.90
CA LEU C 30 -15.69 -8.54 -3.98
C LEU C 30 -16.28 -9.62 -4.88
N ASN C 31 -15.50 -10.07 -5.86
CA ASN C 31 -16.03 -11.00 -6.85
C ASN C 31 -15.37 -12.38 -6.84
N GLY C 32 -14.51 -12.61 -5.84
CA GLY C 32 -13.87 -13.90 -5.69
C GLY C 32 -12.99 -14.28 -6.86
N LEU C 33 -12.33 -13.30 -7.46
CA LEU C 33 -11.48 -13.55 -8.62
C LEU C 33 -10.09 -14.03 -8.20
N GLU C 34 -9.52 -14.92 -9.00
CA GLU C 34 -8.19 -15.45 -8.71
C GLU C 34 -7.18 -15.12 -9.82
N SER C 35 -7.66 -14.45 -10.87
CA SER C 35 -6.79 -14.03 -11.96
C SER C 35 -7.29 -12.72 -12.57
N PHE C 36 -6.52 -12.18 -13.53
CA PHE C 36 -6.88 -10.93 -14.20
C PHE C 36 -7.76 -11.15 -15.43
N LEU C 37 -8.04 -12.41 -15.76
CA LEU C 37 -8.78 -12.74 -16.98
C LEU C 37 -10.25 -12.37 -16.85
N LEU C 38 -10.72 -11.49 -17.75
CA LEU C 38 -12.12 -11.09 -17.78
C LEU C 38 -12.76 -11.49 -19.11
N GLN C 39 -14.07 -11.75 -19.08
CA GLN C 39 -14.83 -12.03 -20.30
C GLN C 39 -15.97 -11.04 -20.50
N PRO C 40 -16.25 -10.65 -21.76
CA PRO C 40 -17.42 -9.81 -22.01
C PRO C 40 -18.68 -10.47 -21.45
N GLY C 41 -19.55 -9.68 -20.84
CA GLY C 41 -20.80 -10.22 -20.30
C GLY C 41 -20.66 -10.59 -18.83
N GLN C 42 -19.43 -10.66 -18.35
CA GLN C 42 -19.17 -10.94 -16.94
C GLN C 42 -19.63 -9.77 -16.07
N VAL C 43 -20.36 -10.08 -15.01
CA VAL C 43 -20.86 -9.04 -14.11
C VAL C 43 -20.00 -8.91 -12.85
N LEU C 44 -19.48 -7.71 -12.62
CA LEU C 44 -18.66 -7.43 -11.45
C LEU C 44 -19.38 -6.58 -10.41
N LYS C 45 -19.44 -7.07 -9.17
CA LYS C 45 -19.93 -6.25 -8.07
C LYS C 45 -18.93 -5.11 -7.82
N LEU C 46 -19.47 -3.93 -7.51
CA LEU C 46 -18.65 -2.75 -7.24
C LEU C 46 -18.74 -2.35 -5.78
N PRO C 47 -17.68 -1.72 -5.26
CA PRO C 47 -17.74 -1.29 -3.85
C PRO C 47 -18.76 -0.17 -3.65
N SER C 48 -19.28 -0.06 -2.43
CA SER C 48 -20.30 0.96 -2.13
C SER C 48 -19.66 2.32 -1.88
C1 NDG D . 17.59 10.02 0.10
C2 NDG D . 17.31 10.93 -1.11
C3 NDG D . 15.94 10.60 -1.70
C4 NDG D . 15.88 9.10 -2.07
C5 NDG D . 16.19 8.28 -0.80
C6 NDG D . 16.28 6.78 -1.09
C7 NDG D . 18.43 13.14 -1.13
C8 NDG D . 18.25 14.61 -0.77
O5 NDG D . 17.47 8.65 -0.26
O3 NDG D . 15.72 11.45 -2.81
O4 NDG D . 14.57 8.82 -2.54
O6 NDG D . 17.46 6.45 -1.80
O7 NDG D . 19.45 12.70 -1.63
N2 NDG D . 17.34 12.35 -0.84
O1 NDG D . 16.69 10.38 1.13
C1 NAG D . 17.31 10.30 0.23
C2 NAG D . 17.22 11.09 -1.07
C3 NAG D . 15.97 10.69 -1.86
C4 NAG D . 15.87 9.17 -2.01
C5 NAG D . 16.02 8.50 -0.64
C6 NAG D . 16.05 6.99 -0.72
C7 NAG D . 18.21 13.34 -1.21
C8 NAG D . 18.03 14.79 -0.86
N2 NAG D . 17.22 12.52 -0.82
O1 NAG D . 18.49 10.61 0.88
O3 NAG D . 16.00 11.30 -3.14
O4 NAG D . 14.59 8.81 -2.53
O5 NAG D . 17.25 8.92 -0.04
O6 NAG D . 17.07 6.54 -1.61
O7 NAG D . 19.19 12.93 -1.82
C1 NAG D . 14.64 8.42 -3.92
C2 NAG D . 13.36 7.64 -4.30
C3 NAG D . 13.37 7.30 -5.78
C4 NAG D . 13.59 8.56 -6.63
C5 NAG D . 14.86 9.27 -6.16
C6 NAG D . 15.12 10.58 -6.86
C7 NAG D . 12.54 6.34 -2.36
C8 NAG D . 12.51 5.00 -1.70
N2 NAG D . 13.24 6.43 -3.50
O3 NAG D . 12.14 6.68 -6.14
O4 NAG D . 13.77 8.17 -7.99
O5 NAG D . 14.76 9.58 -4.76
O6 NAG D . 14.08 11.52 -6.64
O7 NAG D . 11.94 7.31 -1.89
C1 NAG D . 12.80 8.75 -8.88
C2 NAG D . 13.36 8.80 -10.28
C3 NAG D . 12.38 9.55 -11.19
C4 NAG D . 11.00 8.90 -11.11
C5 NAG D . 10.57 8.69 -9.65
C6 NAG D . 9.34 7.83 -9.52
C7 NAG D . 15.81 8.74 -10.25
C8 NAG D . 17.07 9.54 -10.21
N2 NAG D . 14.67 9.43 -10.29
O3 NAG D . 12.88 9.54 -12.52
O4 NAG D . 9.99 9.76 -11.63
O5 NAG D . 11.60 8.03 -8.89
O6 NAG D . 9.58 6.51 -9.99
O7 NAG D . 15.83 7.50 -10.23
C1 NAG D . 9.77 9.69 -13.04
C2 NAG D . 8.31 10.11 -13.28
C3 NAG D . 8.03 10.36 -14.77
C4 NAG D . 9.11 11.24 -15.39
C5 NAG D . 10.48 10.63 -15.09
C6 NAG D . 11.64 11.41 -15.65
C7 NAG D . 6.46 9.39 -11.81
C8 NAG D . 5.63 8.23 -11.35
N2 NAG D . 7.39 9.12 -12.73
O3 NAG D . 6.76 10.98 -14.92
O4 NAG D . 8.96 11.35 -16.80
O5 NAG D . 10.65 10.60 -13.67
O6 NAG D . 12.86 10.85 -15.22
O7 NAG D . 6.29 10.52 -11.37
C1 NAG D . 8.67 12.72 -17.19
C2 NAG D . 8.89 12.87 -18.70
C3 NAG D . 8.47 14.27 -19.18
C4 NAG D . 7.09 14.65 -18.66
C5 NAG D . 7.01 14.42 -17.15
C6 NAG D . 5.63 14.69 -16.58
C7 NAG D . 10.69 11.83 -20.04
C8 NAG D . 12.18 11.74 -20.24
N2 NAG D . 10.28 12.64 -19.04
O3 NAG D . 8.49 14.26 -20.60
O4 NAG D . 6.90 16.06 -18.82
O5 NAG D . 7.32 13.05 -16.87
O6 NAG D . 4.61 13.97 -17.27
O7 NAG D . 9.90 11.19 -20.72
C1 NAG D . 6.05 16.38 -19.92
C2 NAG D . 5.66 17.84 -19.80
C3 NAG D . 4.84 18.29 -21.01
C4 NAG D . 5.57 17.94 -22.30
C5 NAG D . 5.97 16.46 -22.31
C6 NAG D . 6.80 16.09 -23.51
C7 NAG D . 5.40 18.73 -17.51
C8 NAG D . 4.49 18.83 -16.32
N2 NAG D . 4.91 18.07 -18.57
O3 NAG D . 4.63 19.69 -20.95
O4 NAG D . 4.72 18.18 -23.42
O5 NAG D . 6.76 16.18 -21.15
O6 NAG D . 7.07 14.69 -23.54
O7 NAG D . 6.53 19.22 -17.50
C1 NAG E . 18.45 -5.05 -6.18
C2 NAG E . 17.08 -5.12 -6.83
C3 NAG E . 16.95 -4.05 -7.93
C4 NAG E . 17.36 -2.68 -7.42
C5 NAG E . 18.70 -2.74 -6.68
C6 NAG E . 19.04 -1.45 -6.00
C7 NAG E . 15.93 -7.29 -6.87
C8 NAG E . 15.81 -8.62 -7.56
N2 NAG E . 16.83 -6.44 -7.38
O1 NAG E . 18.52 -5.99 -5.15
O3 NAG E . 15.60 -4.03 -8.38
O4 NAG E . 17.52 -1.80 -8.53
O5 NAG E . 18.65 -3.75 -5.66
O6 NAG E . 17.89 -0.87 -5.40
O7 NAG E . 15.24 -7.00 -5.90
C1 NAG E . 16.41 -0.89 -8.71
C2 NAG E . 16.84 0.30 -9.57
C3 NAG E . 15.66 1.24 -9.78
C4 NAG E . 14.46 0.49 -10.35
C5 NAG E . 14.13 -0.73 -9.47
C6 NAG E . 13.03 -1.61 -10.02
C7 NAG E . 19.23 0.81 -9.32
C8 NAG E . 20.26 1.63 -8.60
N2 NAG E . 17.96 1.01 -8.97
O3 NAG E . 16.05 2.29 -10.66
O4 NAG E . 13.33 1.36 -10.33
O5 NAG E . 15.30 -1.56 -9.33
O6 NAG E . 13.38 -2.19 -11.27
O7 NAG E . 19.55 0.00 -10.19
C1 NAG E . 12.78 1.57 -11.65
C2 NAG E . 11.33 1.98 -11.50
C3 NAG E . 10.70 2.09 -12.90
C4 NAG E . 11.52 3.04 -13.76
C5 NAG E . 13.02 2.72 -13.70
C6 NAG E . 13.88 3.81 -14.29
C7 NAG E . 10.44 1.24 -9.34
C8 NAG E . 9.75 0.16 -8.59
N2 NAG E . 10.61 1.04 -10.66
O3 NAG E . 9.36 2.56 -12.77
O4 NAG E . 11.20 2.89 -15.15
O5 NAG E . 13.48 2.55 -12.35
O6 NAG E . 13.75 5.04 -13.59
O7 NAG E . 10.84 2.27 -8.78
C1 NAG E . 10.15 3.70 -15.64
C2 NAG E . 10.39 3.94 -17.13
C3 NAG E . 9.16 4.59 -17.79
C4 NAG E . 7.90 3.80 -17.45
C5 NAG E . 7.80 3.66 -15.94
C6 NAG E . 6.61 2.88 -15.45
C7 NAG E . 12.61 4.42 -18.08
C8 NAG E . 13.76 5.39 -18.12
N2 NAG E . 11.57 4.77 -17.32
O3 NAG E . 9.35 4.63 -19.20
O4 NAG E . 6.74 4.47 -17.94
O5 NAG E . 8.96 2.97 -15.46
O6 NAG E . 6.67 2.75 -14.03
O7 NAG E . 12.64 3.37 -18.71
C1 NAG E . 6.09 3.69 -18.96
C2 NAG E . 4.68 4.23 -19.21
C3 NAG E . 4.00 3.48 -20.36
C4 NAG E . 4.90 3.38 -21.59
C5 NAG E . 6.29 2.87 -21.19
C6 NAG E . 7.26 2.86 -22.34
C7 NAG E . 3.09 5.09 -17.52
C8 NAG E . 2.30 4.75 -16.29
N2 NAG E . 3.86 4.11 -18.01
O3 NAG E . 2.79 4.15 -20.69
O4 NAG E . 4.38 2.41 -22.49
O5 NAG E . 6.84 3.72 -20.19
O6 NAG E . 7.27 4.10 -23.03
O7 NAG E . 3.02 6.21 -18.04
C1 NAG E . 3.84 3.02 -23.68
C2 NAG E . 3.54 1.87 -24.65
C3 NAG E . 2.74 2.37 -25.86
C4 NAG E . 1.54 3.20 -25.42
C5 NAG E . 2.00 4.30 -24.48
C6 NAG E . 0.86 5.14 -23.94
C7 NAG E . 5.17 0.02 -24.77
C8 NAG E . 6.49 -0.42 -25.32
N2 NAG E . 4.79 1.26 -25.10
O3 NAG E . 2.29 1.24 -26.60
O4 NAG E . 0.93 3.80 -26.56
O5 NAG E . 2.62 3.69 -23.34
O6 NAG E . 1.36 6.31 -23.29
O7 NAG E . 4.48 -0.71 -24.06
C1 NAG F . -0.39 -0.23 -16.87
C2 NAG F . -0.22 -1.05 -18.14
C3 NAG F . -1.38 -2.02 -18.29
C4 NAG F . -1.54 -2.87 -17.03
C5 NAG F . -1.59 -1.97 -15.79
C6 NAG F . -1.60 -2.74 -14.49
C7 NAG F . 0.91 -0.24 -20.17
C8 NAG F . 0.86 0.72 -21.32
N2 NAG F . -0.12 -0.19 -19.31
O1 NAG F . 0.67 0.66 -16.74
O3 NAG F . -1.13 -2.85 -19.42
O4 NAG F . -2.77 -3.59 -17.05
O5 NAG F . -0.45 -1.10 -15.75
O6 NAG F . -0.45 -3.56 -14.36
O7 NAG F . 1.84 -1.03 -20.01
C1 NDG F . -0.15 -0.38 -17.10
C2 NDG F . 0.13 -1.38 -18.24
C3 NDG F . -1.02 -2.41 -18.31
C4 NDG F . -1.35 -3.04 -16.95
C5 NDG F . -1.36 -1.99 -15.82
C6 NDG F . -1.34 -2.64 -14.43
C7 NDG F . 1.42 -0.20 -20.00
C8 NDG F . 1.35 0.41 -21.39
O5 NDG F . -0.25 -1.11 -15.88
O3 NDG F . -0.60 -3.36 -19.29
O4 NDG F . -2.66 -3.60 -17.01
O6 NDG F . -0.22 -3.51 -14.23
O7 NDG F . 2.44 -0.18 -19.32
N2 NDG F . 0.26 -0.75 -19.56
O1 NDG F . -1.34 0.32 -17.41
C1 NAG F . -2.73 -4.88 -17.67
C2 NAG F . -3.90 -5.70 -17.11
C3 NAG F . -4.05 -7.01 -17.88
C4 NAG F . -4.15 -6.73 -19.38
C5 NAG F . -2.95 -5.91 -19.83
C6 NAG F . -3.03 -5.49 -21.28
C7 NAG F . -4.75 -5.72 -14.80
C8 NAG F . -4.43 -6.00 -13.36
N2 NAG F . -3.76 -5.95 -15.68
O3 NAG F . -5.21 -7.69 -17.43
O4 NAG F . -4.18 -7.95 -20.12
O5 NAG F . -2.89 -4.70 -19.07
O6 NAG F . -2.12 -4.42 -21.55
O7 NAG F . -5.85 -5.32 -15.16
C1 NAG F . -5.37 -7.99 -20.93
C2 NAG F . -5.11 -9.00 -22.07
C3 NAG F . -6.38 -9.20 -22.89
C4 NAG F . -7.55 -9.58 -21.99
C5 NAG F . -7.72 -8.52 -20.91
C6 NAG F . -8.81 -8.84 -19.91
C7 NAG F . -2.82 -9.16 -22.93
C8 NAG F . -1.81 -8.57 -23.87
N2 NAG F . -4.02 -8.56 -22.91
O3 NAG F . -6.15 -10.21 -23.87
O4 NAG F . -8.75 -9.64 -22.77
O5 NAG F . -6.50 -8.41 -20.16
O6 NAG F . -8.59 -10.08 -19.27
O7 NAG F . -2.57 -10.13 -22.23
C1 NAG F . -9.26 -10.99 -22.84
C2 NAG F . -10.70 -10.94 -23.31
C3 NAG F . -11.28 -12.35 -23.40
C4 NAG F . -10.37 -13.28 -24.19
C5 NAG F . -8.92 -13.17 -23.71
C6 NAG F . -7.94 -13.92 -24.58
C7 NAG F . -11.81 -8.84 -22.67
C8 NAG F . -12.65 -8.15 -21.64
N2 NAG F . -11.51 -10.12 -22.43
O3 NAG F . -12.56 -12.28 -24.01
O4 NAG F . -10.79 -14.63 -23.99
O5 NAG F . -8.49 -11.80 -23.71
O6 NAG F . -7.81 -13.29 -25.84
O7 NAG F . -11.43 -8.26 -23.68
C1 NAG F . -11.14 -15.30 -25.23
C2 NAG F . -11.20 -16.81 -24.93
C3 NAG F . -11.63 -17.59 -26.18
C4 NAG F . -12.90 -16.99 -26.79
C5 NAG F . -12.72 -15.49 -27.00
C6 NAG F . -13.95 -14.79 -27.50
C7 NAG F . -9.66 -17.56 -23.16
C8 NAG F . -8.28 -18.04 -22.85
N2 NAG F . -9.92 -17.29 -24.45
O3 NAG F . -11.86 -18.95 -25.82
O4 NAG F . -13.13 -17.62 -28.05
O5 NAG F . -12.38 -14.87 -25.74
O6 NAG F . -15.07 -15.01 -26.66
O7 NAG F . -10.51 -17.41 -22.29
C1 NAG F . -14.49 -18.11 -28.18
C2 NAG F . -14.83 -18.34 -29.66
C3 NAG F . -16.27 -18.83 -29.79
C4 NAG F . -16.51 -20.05 -28.89
C5 NAG F . -16.08 -19.72 -27.46
C6 NAG F . -16.19 -20.91 -26.53
C7 NAG F . -13.55 -16.90 -31.18
C8 NAG F . -13.53 -15.60 -31.93
N2 NAG F . -14.64 -17.13 -30.45
O3 NAG F . -16.55 -19.17 -31.14
O4 NAG F . -17.88 -20.39 -28.91
O5 NAG F . -14.71 -19.31 -27.45
O6 NAG F . -15.46 -22.04 -27.03
O7 NAG F . -12.62 -17.70 -31.24
C1 NDG G . 18.33 -4.95 -6.00
C2 NDG G . 17.05 -5.07 -6.85
C3 NDG G . 17.12 -4.07 -8.02
C4 NDG G . 17.38 -2.66 -7.49
C5 NDG G . 18.67 -2.68 -6.66
C6 NDG G . 19.00 -1.32 -6.05
C7 NDG G . 15.93 -7.29 -6.86
C8 NDG G . 15.83 -8.63 -7.57
O5 NDG G . 18.53 -3.61 -5.58
O3 NDG G . 15.90 -4.18 -8.77
O4 NDG G . 17.53 -1.80 -8.62
O6 NDG G . 18.34 -1.11 -4.79
O7 NDG G . 15.25 -7.01 -5.87
N2 NDG G . 16.82 -6.40 -7.41
O1 NDG G . 19.40 -5.45 -6.77
S SO4 H . 2.10 3.47 2.14
O1 SO4 H . 2.65 2.66 3.23
O2 SO4 H . 1.60 2.58 1.09
O3 SO4 H . 1.01 4.29 2.63
O4 SO4 H . 3.17 4.31 1.59
S SO4 I . -5.44 8.58 8.41
O1 SO4 I . -4.36 8.86 9.35
O2 SO4 I . -4.88 7.89 7.25
O3 SO4 I . -6.43 7.73 9.06
O4 SO4 I . -6.06 9.83 7.99
C1 DIO J . 6.65 9.49 -17.88
C2 DIO J . 7.30 7.77 -19.32
C1' DIO J . 5.56 9.88 -18.84
C2' DIO J . 6.19 8.14 -20.26
O1 DIO J . 7.72 8.88 -18.56
O1' DIO J . 5.12 8.77 -19.59
S SO4 K . 1.97 -2.51 4.12
O1 SO4 K . 3.21 -3.27 4.20
O2 SO4 K . 2.10 -1.46 3.12
O3 SO4 K . 0.86 -3.40 3.76
O4 SO4 K . 1.68 -1.90 5.42
C1 DIO L . -19.83 6.48 -14.59
C2 DIO L . -17.80 6.97 -15.65
C1' DIO L . -19.14 5.40 -13.79
C2' DIO L . -17.13 5.85 -14.90
O1 DIO L . -19.18 6.73 -15.81
O1' DIO L . -17.76 5.64 -13.66
#